data_5N4X
#
_entry.id   5N4X
#
_cell.length_a   98.008
_cell.length_b   98.008
_cell.length_c   80.866
_cell.angle_alpha   90.00
_cell.angle_beta   90.00
_cell.angle_gamma   120.00
#
_symmetry.space_group_name_H-M   'P 65'
#
loop_
_entity.id
_entity.type
_entity.pdbx_description
1 polymer 'Serine/threonine-protein kinase pim-1'
2 polymer Pimtide
3 non-polymer 4,5-bis(bromanyl)thiophene-2-carbohydrazide
4 water water
#
loop_
_entity_poly.entity_id
_entity_poly.type
_entity_poly.pdbx_seq_one_letter_code
_entity_poly.pdbx_strand_id
1 'polypeptide(L)'
;MLLSKINSLAHLRAAPCNDLHATKLAPGKEKEPLESQYQVGPLLGSGGFGSVYSGIRVSDNLPVAIKHVEKDRISDWGEL
PNGTRVPMEVVLLKKVSSGFSGVIRLLDWFERPDSFVLILERPEPVQDLFDFITERGALQEELARSFFWQVLEAVRHCHN
CGVLHRDIKDENILIDLNRGELKLIDFGSGALLKDTVYTDFDGTRVYSPPEWIRYHRYHGRSAAVWSLGILLYDMVCGDI
PFEHDEEIIGGQVFFRQRVSSECQHLIRWCLALRPSDRPTFEEIQNHPWMQDVLLPQETAEIHLHSLSPGPSK
;
A
2 'polypeptide(L)' ARKRRRHPSGPPTA B
#
loop_
_chem_comp.id
_chem_comp.type
_chem_comp.name
_chem_comp.formula
8MT non-polymer 4,5-bis(bromanyl)thiophene-2-carbohydrazide 'C5 H4 Br2 N2 O S'
#
# COMPACT_ATOMS: atom_id res chain seq x y z
N PRO A 33 -25.04 4.80 17.58
CA PRO A 33 -24.82 3.36 17.83
C PRO A 33 -24.31 2.62 16.58
N LEU A 34 -23.12 2.04 16.70
CA LEU A 34 -22.48 1.38 15.56
C LEU A 34 -23.23 0.12 15.15
N GLU A 35 -23.70 -0.64 16.13
CA GLU A 35 -24.20 -1.99 15.86
C GLU A 35 -25.53 -1.99 15.11
N SER A 36 -26.28 -0.89 15.17
CA SER A 36 -27.56 -0.80 14.46
C SER A 36 -27.45 -0.08 13.13
N GLN A 37 -26.38 0.67 12.90
CA GLN A 37 -26.15 1.32 11.61
C GLN A 37 -25.47 0.42 10.58
N TYR A 38 -24.99 -0.74 10.98
CA TYR A 38 -24.27 -1.64 10.08
C TYR A 38 -24.64 -3.07 10.39
N GLN A 39 -24.82 -3.87 9.33
CA GLN A 39 -24.99 -5.32 9.45
C GLN A 39 -23.64 -5.98 9.24
N VAL A 40 -23.16 -6.71 10.25
CA VAL A 40 -21.80 -7.24 10.23
C VAL A 40 -21.81 -8.61 9.55
N GLY A 41 -20.81 -8.86 8.71
CA GLY A 41 -20.69 -10.12 8.01
C GLY A 41 -19.46 -10.89 8.43
N PRO A 42 -18.89 -11.68 7.51
CA PRO A 42 -17.78 -12.56 7.88
C PRO A 42 -16.48 -11.81 8.09
N LEU A 43 -15.67 -12.35 8.99
CA LEU A 43 -14.30 -11.88 9.15
C LEU A 43 -13.55 -12.01 7.82
N LEU A 44 -12.93 -10.92 7.37
CA LEU A 44 -12.12 -10.92 6.15
C LEU A 44 -10.66 -11.27 6.44
N GLY A 45 -10.13 -10.80 7.56
CA GLY A 45 -8.78 -11.14 7.96
C GLY A 45 -8.42 -10.44 9.25
N SER A 46 -7.30 -10.87 9.83
CA SER A 46 -6.79 -10.22 11.02
C SER A 46 -5.27 -10.28 11.00
N GLY A 47 -4.66 -9.35 11.71
CA GLY A 47 -3.21 -9.27 11.75
C GLY A 47 -2.76 -7.99 12.40
N GLY A 48 -1.56 -7.53 12.02
CA GLY A 48 -1.03 -6.28 12.54
C GLY A 48 -1.95 -5.09 12.34
N PHE A 49 -2.85 -5.19 11.35
CA PHE A 49 -3.82 -4.15 11.00
C PHE A 49 -5.12 -4.21 11.80
N GLY A 50 -5.28 -5.15 12.73
CA GLY A 50 -6.53 -5.35 13.45
C GLY A 50 -7.33 -6.56 12.97
N SER A 51 -8.64 -6.51 13.22
CA SER A 51 -9.59 -7.50 12.75
C SER A 51 -10.58 -6.80 11.83
N VAL A 52 -10.73 -7.30 10.61
CA VAL A 52 -11.51 -6.61 9.58
C VAL A 52 -12.68 -7.50 9.16
N TYR A 53 -13.89 -6.95 9.27
CA TYR A 53 -15.12 -7.65 8.90
C TYR A 53 -15.74 -7.02 7.67
N SER A 54 -16.36 -7.86 6.85
CA SER A 54 -17.22 -7.37 5.79
C SER A 54 -18.50 -6.82 6.40
N GLY A 55 -19.13 -5.90 5.69
CA GLY A 55 -20.27 -5.25 6.29
C GLY A 55 -21.12 -4.55 5.26
N ILE A 56 -22.26 -4.06 5.73
CA ILE A 56 -23.24 -3.40 4.89
C ILE A 56 -23.81 -2.24 5.67
N ARG A 57 -23.76 -1.04 5.09
CA ARG A 57 -24.36 0.12 5.74
C ARG A 57 -25.87 -0.01 5.66
N VAL A 58 -26.53 -0.11 6.81
CA VAL A 58 -27.95 -0.46 6.82
C VAL A 58 -28.81 0.60 6.14
N SER A 59 -28.32 1.84 6.05
CA SER A 59 -29.17 2.92 5.53
C SER A 59 -29.41 2.78 4.02
N ASP A 60 -28.33 2.54 3.26
CA ASP A 60 -28.43 2.45 1.81
C ASP A 60 -27.86 1.16 1.24
N ASN A 61 -27.54 0.17 2.09
CA ASN A 61 -26.95 -1.11 1.68
C ASN A 61 -25.57 -0.95 1.06
N LEU A 62 -24.83 0.08 1.44
CA LEU A 62 -23.50 0.29 0.87
C LEU A 62 -22.52 -0.74 1.42
N PRO A 63 -21.78 -1.45 0.57
CA PRO A 63 -20.78 -2.41 1.09
C PRO A 63 -19.65 -1.69 1.80
N VAL A 64 -19.30 -2.16 2.99
CA VAL A 64 -18.27 -1.54 3.81
C VAL A 64 -17.37 -2.61 4.41
N ALA A 65 -16.24 -2.16 4.94
CA ALA A 65 -15.36 -2.98 5.76
C ALA A 65 -15.27 -2.36 7.15
N ILE A 66 -15.35 -3.19 8.17
CA ILE A 66 -15.40 -2.74 9.55
C ILE A 66 -14.12 -3.23 10.24
N LYS A 67 -13.24 -2.29 10.58
CA LYS A 67 -11.95 -2.60 11.17
C LYS A 67 -11.95 -2.25 12.65
N HIS A 68 -11.61 -3.22 13.49
CA HIS A 68 -11.47 -3.04 14.92
C HIS A 68 -9.99 -3.05 15.30
N VAL A 69 -9.59 -2.09 16.13
CA VAL A 69 -8.22 -1.95 16.60
C VAL A 69 -8.25 -1.77 18.11
N GLU A 70 -7.59 -2.67 18.84
CA GLU A 70 -7.54 -2.54 20.29
C GLU A 70 -6.65 -1.38 20.69
N LYS A 71 -7.11 -0.62 21.70
CA LYS A 71 -6.38 0.58 22.12
C LYS A 71 -5.00 0.25 22.65
N ASP A 72 -4.87 -0.89 23.34
CA ASP A 72 -3.57 -1.26 23.90
C ASP A 72 -2.51 -1.51 22.82
N ARG A 73 -2.93 -1.85 21.60
CA ARG A 73 -2.01 -2.16 20.52
C ARG A 73 -1.71 -0.97 19.62
N ILE A 74 -1.96 0.25 20.10
CA ILE A 74 -1.83 1.45 19.27
C ILE A 74 -0.64 2.25 19.78
N SER A 75 0.41 2.34 18.95
CA SER A 75 1.66 2.96 19.37
C SER A 75 1.64 4.48 19.17
N ASP A 76 1.24 4.95 18.00
CA ASP A 76 1.24 6.37 17.70
C ASP A 76 -0.18 6.95 17.81
N TRP A 77 -0.28 8.11 18.43
CA TRP A 77 -1.55 8.80 18.58
C TRP A 77 -1.44 10.18 17.95
N GLY A 78 -2.59 10.73 17.58
CA GLY A 78 -2.65 12.06 17.01
C GLY A 78 -3.89 12.82 17.46
N GLU A 79 -4.12 13.98 16.87
CA GLU A 79 -5.29 14.77 17.18
C GLU A 79 -5.87 15.33 15.89
N LEU A 80 -7.20 15.32 15.80
CA LEU A 80 -7.89 15.93 14.68
C LEU A 80 -8.06 17.41 14.97
N PRO A 81 -8.80 18.16 14.14
CA PRO A 81 -9.25 19.48 14.57
C PRO A 81 -9.97 19.37 15.91
N ASN A 82 -9.24 19.70 16.98
CA ASN A 82 -9.59 19.41 18.37
C ASN A 82 -9.41 17.92 18.66
N THR A 84 -9.17 14.82 18.29
CA THR A 84 -9.84 14.67 19.57
C THR A 84 -9.17 13.56 20.38
N ARG A 85 -7.91 13.26 20.02
CA ARG A 85 -7.11 12.17 20.56
C ARG A 85 -7.59 10.85 19.97
N VAL A 86 -7.12 10.55 18.77
CA VAL A 86 -7.54 9.37 18.02
C VAL A 86 -6.27 8.63 17.59
N PRO A 87 -6.36 7.38 17.16
CA PRO A 87 -5.17 6.74 16.58
C PRO A 87 -4.65 7.54 15.40
N MET A 88 -3.33 7.54 15.25
CA MET A 88 -2.71 8.20 14.09
C MET A 88 -3.32 7.71 12.78
N GLU A 89 -3.67 6.42 12.72
CA GLU A 89 -4.30 5.87 11.52
C GLU A 89 -5.56 6.65 11.12
N VAL A 90 -6.36 7.09 12.11
CA VAL A 90 -7.55 7.87 11.80
C VAL A 90 -7.17 9.27 11.31
N VAL A 91 -6.16 9.88 11.94
CA VAL A 91 -5.67 11.18 11.48
C VAL A 91 -5.26 11.10 10.00
N LEU A 92 -4.47 10.08 9.65
CA LEU A 92 -3.94 10.00 8.30
C LEU A 92 -5.06 9.70 7.30
N LEU A 93 -6.02 8.85 7.68
CA LEU A 93 -7.09 8.50 6.77
C LEU A 93 -7.99 9.70 6.47
N LYS A 94 -8.26 10.54 7.47
CA LYS A 94 -9.05 11.75 7.20
C LYS A 94 -8.31 12.70 6.28
N LYS A 95 -6.98 12.78 6.39
CA LYS A 95 -6.26 13.71 5.51
C LYS A 95 -6.30 13.27 4.05
N VAL A 96 -6.36 11.95 3.78
CA VAL A 96 -6.37 11.48 2.40
C VAL A 96 -7.76 11.12 1.89
N SER A 97 -8.81 11.21 2.72
CA SER A 97 -10.09 10.63 2.32
C SER A 97 -11.03 11.62 1.65
N SER A 98 -10.57 12.81 1.29
CA SER A 98 -11.45 13.79 0.65
C SER A 98 -11.30 13.68 -0.86
N GLY A 99 -12.45 13.75 -1.55
CA GLY A 99 -12.48 13.59 -3.00
C GLY A 99 -12.24 12.14 -3.40
N PHE A 100 -12.00 11.96 -4.69
CA PHE A 100 -11.76 10.65 -5.29
C PHE A 100 -10.26 10.40 -5.41
N SER A 101 -9.84 9.18 -5.11
CA SER A 101 -8.43 8.84 -5.19
C SER A 101 -8.27 7.33 -5.19
N GLY A 102 -7.03 6.88 -5.37
CA GLY A 102 -6.70 5.48 -5.23
C GLY A 102 -6.42 5.05 -3.80
N VAL A 103 -7.12 5.61 -2.82
CA VAL A 103 -7.01 5.22 -1.43
C VAL A 103 -8.39 4.81 -0.92
N ILE A 104 -8.47 3.69 -0.18
CA ILE A 104 -9.73 3.32 0.45
C ILE A 104 -10.11 4.41 1.45
N ARG A 105 -11.36 4.89 1.34
CA ARG A 105 -11.82 6.05 2.09
C ARG A 105 -12.43 5.66 3.44
N LEU A 106 -12.09 6.42 4.46
CA LEU A 106 -12.71 6.28 5.78
C LEU A 106 -14.05 7.00 5.79
N LEU A 107 -15.14 6.26 5.99
CA LEU A 107 -16.48 6.84 6.02
C LEU A 107 -16.91 7.31 7.41
N ASP A 108 -16.42 6.65 8.45
CA ASP A 108 -16.84 6.93 9.82
C ASP A 108 -15.88 6.20 10.75
N TRP A 109 -15.94 6.56 12.03
CA TRP A 109 -15.19 5.85 13.06
C TRP A 109 -15.89 6.07 14.39
N PHE A 110 -15.67 5.14 15.32
CA PHE A 110 -16.27 5.16 16.64
C PHE A 110 -15.23 4.78 17.68
N GLU A 111 -15.37 5.31 18.88
CA GLU A 111 -14.54 4.94 20.00
C GLU A 111 -15.34 4.05 20.95
N ARG A 112 -14.79 2.91 21.29
CA ARG A 112 -15.33 1.98 22.25
C ARG A 112 -14.44 1.99 23.49
N PRO A 113 -14.91 1.41 24.62
CA PRO A 113 -14.08 1.43 25.84
C PRO A 113 -12.66 0.94 25.63
N ASP A 114 -12.45 -0.11 24.85
CA ASP A 114 -11.11 -0.67 24.68
C ASP A 114 -10.66 -0.71 23.23
N SER A 115 -11.37 -0.09 22.30
CA SER A 115 -10.98 -0.19 20.90
C SER A 115 -11.54 1.01 20.14
N PHE A 116 -10.99 1.20 18.94
CA PHE A 116 -11.57 2.04 17.91
C PHE A 116 -12.07 1.16 16.77
N VAL A 117 -13.17 1.59 16.17
CA VAL A 117 -13.81 0.90 15.04
C VAL A 117 -13.82 1.85 13.86
N LEU A 118 -13.32 1.38 12.72
CA LEU A 118 -13.18 2.19 11.51
C LEU A 118 -14.07 1.61 10.41
N ILE A 119 -14.87 2.47 9.79
CA ILE A 119 -15.76 2.05 8.70
C ILE A 119 -15.13 2.51 7.39
N LEU A 120 -14.86 1.55 6.50
CA LEU A 120 -14.17 1.83 5.26
C LEU A 120 -15.02 1.41 4.08
N GLU A 121 -14.85 2.10 2.97
CA GLU A 121 -15.62 1.80 1.78
C GLU A 121 -15.10 0.52 1.13
N ARG A 122 -16.00 -0.43 0.83
CA ARG A 122 -15.55 -1.72 0.29
C ARG A 122 -15.92 -1.86 -1.17
N PRO A 123 -14.95 -2.04 -2.06
CA PRO A 123 -15.28 -2.40 -3.45
C PRO A 123 -15.66 -3.86 -3.56
N GLU A 124 -16.49 -4.14 -4.56
CA GLU A 124 -16.97 -5.50 -4.78
C GLU A 124 -17.23 -5.72 -6.27
N PRO A 125 -16.63 -6.77 -6.87
CA PRO A 125 -15.67 -7.71 -6.27
C PRO A 125 -14.28 -7.13 -6.13
N VAL A 126 -13.53 -7.65 -5.17
CA VAL A 126 -12.20 -7.16 -4.84
C VAL A 126 -11.29 -8.35 -4.57
N GLN A 127 -9.99 -8.16 -4.82
CA GLN A 127 -8.95 -9.11 -4.45
C GLN A 127 -7.69 -8.30 -4.17
N ASP A 128 -6.96 -8.68 -3.11
CA ASP A 128 -5.74 -7.94 -2.86
C ASP A 128 -4.64 -8.40 -3.82
N LEU A 129 -3.66 -7.52 -4.02
CA LEU A 129 -2.65 -7.74 -5.05
C LEU A 129 -1.73 -8.91 -4.71
N PHE A 130 -1.56 -9.23 -3.41
CA PHE A 130 -0.76 -10.40 -3.04
C PHE A 130 -1.43 -11.69 -3.53
N ASP A 131 -2.71 -11.86 -3.24
CA ASP A 131 -3.43 -13.03 -3.73
C ASP A 131 -3.46 -13.05 -5.25
N PHE A 132 -3.59 -11.86 -5.87
CA PHE A 132 -3.67 -11.80 -7.32
C PHE A 132 -2.40 -12.31 -7.96
N ILE A 133 -1.24 -11.86 -7.45
CA ILE A 133 0.05 -12.29 -7.99
C ILE A 133 0.28 -13.77 -7.70
N THR A 134 -0.16 -14.24 -6.54
CA THR A 134 0.00 -15.66 -6.21
C THR A 134 -0.74 -16.54 -7.21
N GLU A 135 -1.95 -16.15 -7.59
CA GLU A 135 -2.76 -16.97 -8.49
C GLU A 135 -2.35 -16.83 -9.94
N ARG A 136 -1.96 -15.63 -10.36
N ARG A 136 -1.97 -15.61 -10.35
CA ARG A 136 -1.66 -15.43 -11.77
CA ARG A 136 -1.66 -15.32 -11.74
C ARG A 136 -0.18 -15.62 -12.11
C ARG A 136 -0.20 -15.60 -12.10
N GLY A 137 0.71 -15.56 -11.12
CA GLY A 137 2.13 -15.59 -11.41
C GLY A 137 2.62 -14.19 -11.78
N ALA A 138 3.84 -14.13 -12.31
CA ALA A 138 4.39 -12.87 -12.81
C ALA A 138 3.44 -12.24 -13.82
N LEU A 139 3.26 -10.92 -13.72
CA LEU A 139 2.30 -10.20 -14.57
C LEU A 139 2.94 -9.77 -15.87
N GLN A 140 2.17 -9.86 -16.95
CA GLN A 140 2.52 -9.16 -18.18
C GLN A 140 2.87 -7.70 -17.87
N GLU A 141 3.88 -7.19 -18.60
CA GLU A 141 4.36 -5.83 -18.32
C GLU A 141 3.29 -4.78 -18.58
N GLU A 142 2.40 -5.03 -19.55
CA GLU A 142 1.31 -4.09 -19.77
C GLU A 142 0.45 -3.93 -18.52
N LEU A 143 0.15 -5.04 -17.85
CA LEU A 143 -0.68 -5.02 -16.66
C LEU A 143 0.08 -4.44 -15.48
N ALA A 144 1.35 -4.79 -15.32
CA ALA A 144 2.15 -4.24 -14.24
C ALA A 144 2.34 -2.72 -14.41
N ARG A 145 2.51 -2.26 -15.66
CA ARG A 145 2.59 -0.82 -15.91
C ARG A 145 1.34 -0.10 -15.42
N SER A 146 0.16 -0.63 -15.76
CA SER A 146 -1.10 0.01 -15.35
C SER A 146 -1.24 0.02 -13.84
N PHE A 147 -1.00 -1.15 -13.19
CA PHE A 147 -1.06 -1.24 -11.73
C PHE A 147 -0.05 -0.31 -11.07
N PHE A 148 1.21 -0.40 -11.48
CA PHE A 148 2.25 0.41 -10.86
C PHE A 148 1.98 1.89 -11.03
N TRP A 149 1.50 2.31 -12.21
CA TRP A 149 1.11 3.70 -12.44
C TRP A 149 0.06 4.15 -11.42
N GLN A 150 -1.00 3.36 -11.25
CA GLN A 150 -2.05 3.72 -10.30
C GLN A 150 -1.52 3.78 -8.87
N VAL A 151 -0.60 2.88 -8.51
CA VAL A 151 -0.03 2.96 -7.16
C VAL A 151 0.77 4.26 -7.02
N LEU A 152 1.55 4.64 -8.04
CA LEU A 152 2.29 5.90 -7.97
C LEU A 152 1.34 7.10 -7.76
N GLU A 153 0.26 7.17 -8.54
CA GLU A 153 -0.70 8.25 -8.36
C GLU A 153 -1.29 8.27 -6.96
N ALA A 154 -1.54 7.08 -6.37
CA ALA A 154 -2.12 7.05 -5.03
C ALA A 154 -1.12 7.52 -3.97
N VAL A 155 0.16 7.13 -4.13
CA VAL A 155 1.19 7.56 -3.19
C VAL A 155 1.42 9.06 -3.32
N ARG A 156 1.47 9.57 -4.56
CA ARG A 156 1.57 11.02 -4.76
C ARG A 156 0.43 11.74 -4.06
N HIS A 157 -0.77 11.18 -4.13
CA HIS A 157 -1.91 11.80 -3.46
C HIS A 157 -1.71 11.82 -1.95
N CYS A 158 -1.24 10.71 -1.38
CA CYS A 158 -0.96 10.70 0.07
C CYS A 158 0.05 11.79 0.43
N HIS A 159 1.17 11.84 -0.31
CA HIS A 159 2.21 12.81 0.00
C HIS A 159 1.70 14.25 -0.17
N ASN A 160 0.83 14.49 -1.16
CA ASN A 160 0.25 15.80 -1.35
C ASN A 160 -0.66 16.18 -0.18
N CYS A 161 -1.24 15.19 0.50
CA CYS A 161 -2.06 15.40 1.66
C CYS A 161 -1.26 15.41 2.98
N GLY A 162 0.07 15.40 2.91
CA GLY A 162 0.89 15.36 4.11
C GLY A 162 1.00 14.00 4.78
N VAL A 163 0.83 12.90 4.04
CA VAL A 163 0.74 11.57 4.64
C VAL A 163 1.79 10.66 4.04
N LEU A 164 2.58 10.03 4.90
CA LEU A 164 3.55 9.01 4.51
C LEU A 164 3.02 7.64 4.93
N HIS A 165 2.84 6.72 3.98
CA HIS A 165 2.18 5.46 4.28
C HIS A 165 3.09 4.50 5.05
N ARG A 166 4.34 4.32 4.59
CA ARG A 166 5.40 3.54 5.24
C ARG A 166 5.17 2.02 5.22
N ASP A 167 4.20 1.52 4.47
CA ASP A 167 4.02 0.08 4.39
C ASP A 167 3.46 -0.30 3.02
N ILE A 168 3.99 0.32 1.96
CA ILE A 168 3.55 -0.03 0.61
C ILE A 168 4.01 -1.44 0.29
N LYS A 169 3.07 -2.30 -0.10
CA LYS A 169 3.36 -3.67 -0.48
C LYS A 169 2.10 -4.25 -1.14
N ASP A 170 2.26 -5.40 -1.81
CA ASP A 170 1.13 -5.99 -2.51
C ASP A 170 -0.04 -6.31 -1.57
N GLU A 171 0.26 -6.74 -0.34
CA GLU A 171 -0.79 -7.03 0.64
C GLU A 171 -1.64 -5.81 0.98
N ASN A 172 -1.12 -4.60 0.83
CA ASN A 172 -1.84 -3.41 1.21
C ASN A 172 -2.42 -2.69 0.00
N ILE A 173 -2.77 -3.44 -1.05
CA ILE A 173 -3.32 -2.89 -2.27
C ILE A 173 -4.49 -3.77 -2.70
N LEU A 174 -5.67 -3.18 -2.79
CA LEU A 174 -6.87 -3.87 -3.26
C LEU A 174 -7.10 -3.55 -4.73
N ILE A 175 -7.56 -4.56 -5.47
CA ILE A 175 -7.93 -4.42 -6.89
C ILE A 175 -9.45 -4.50 -6.99
N ASP A 176 -10.08 -3.44 -7.49
CA ASP A 176 -11.49 -3.47 -7.90
C ASP A 176 -11.52 -4.18 -9.25
N LEU A 177 -11.98 -5.43 -9.24
CA LEU A 177 -11.86 -6.27 -10.43
C LEU A 177 -12.75 -5.78 -11.56
N ASN A 178 -13.91 -5.23 -11.25
CA ASN A 178 -14.77 -4.77 -12.34
C ASN A 178 -14.35 -3.41 -12.89
N ARG A 179 -13.82 -2.52 -12.03
CA ARG A 179 -13.42 -1.20 -12.49
C ARG A 179 -11.95 -1.11 -12.89
N GLY A 180 -11.13 -2.11 -12.54
CA GLY A 180 -9.72 -2.03 -12.88
C GLY A 180 -8.93 -0.99 -12.09
N GLU A 181 -9.41 -0.62 -10.90
CA GLU A 181 -8.80 0.42 -10.09
C GLU A 181 -8.16 -0.18 -8.85
N LEU A 182 -6.98 0.35 -8.48
CA LEU A 182 -6.26 -0.09 -7.29
C LEU A 182 -6.46 0.88 -6.14
N LYS A 183 -6.52 0.35 -4.91
CA LYS A 183 -6.77 1.14 -3.70
C LYS A 183 -5.79 0.76 -2.59
N LEU A 184 -5.11 1.76 -2.02
CA LEU A 184 -4.24 1.57 -0.86
C LEU A 184 -5.04 1.37 0.42
N ILE A 185 -4.59 0.44 1.25
CA ILE A 185 -5.20 0.21 2.56
C ILE A 185 -4.11 0.19 3.63
N ASP A 186 -4.56 0.22 4.88
CA ASP A 186 -3.77 -0.06 6.08
C ASP A 186 -2.70 1.00 6.33
N PHE A 187 -3.15 2.14 6.85
CA PHE A 187 -2.29 3.25 7.22
C PHE A 187 -1.77 3.15 8.66
N GLY A 188 -1.91 2.00 9.31
CA GLY A 188 -1.55 1.92 10.72
C GLY A 188 -0.06 2.01 11.02
N SER A 189 0.81 1.94 10.02
CA SER A 189 2.25 2.18 10.22
C SER A 189 2.67 3.56 9.70
N GLY A 190 1.73 4.39 9.26
CA GLY A 190 2.08 5.62 8.57
C GLY A 190 2.50 6.73 9.52
N ALA A 191 2.76 7.89 8.94
CA ALA A 191 3.16 9.06 9.71
C ALA A 191 2.80 10.31 8.92
N LEU A 192 2.76 11.44 9.62
CA LEU A 192 2.74 12.70 8.91
C LEU A 192 4.02 12.80 8.09
N LEU A 193 3.89 13.30 6.86
CA LEU A 193 5.06 13.48 6.03
C LEU A 193 5.90 14.66 6.54
N LYS A 194 7.23 14.46 6.62
CA LYS A 194 8.15 15.53 6.99
C LYS A 194 9.41 15.40 6.16
N ASP A 195 10.24 16.43 6.19
CA ASP A 195 11.49 16.45 5.43
C ASP A 195 12.71 16.09 6.27
N THR A 196 12.55 15.94 7.58
CA THR A 196 13.65 15.55 8.46
C THR A 196 13.69 14.02 8.58
N VAL A 197 14.74 13.52 9.24
CA VAL A 197 15.00 12.08 9.25
C VAL A 197 13.98 11.35 10.11
N TYR A 198 13.62 10.13 9.71
CA TYR A 198 12.83 9.21 10.51
C TYR A 198 13.76 8.21 11.19
N THR A 199 13.54 7.96 12.49
CA THR A 199 14.33 6.99 13.25
C THR A 199 13.47 5.89 13.85
N ASP A 200 12.19 5.83 13.47
CA ASP A 200 11.26 4.79 13.90
C ASP A 200 10.66 4.15 12.65
N PHE A 201 10.28 2.87 12.77
CA PHE A 201 9.71 2.15 11.64
C PHE A 201 9.04 0.87 12.13
N ASP A 202 7.80 0.63 11.69
CA ASP A 202 7.09 -0.60 12.02
C ASP A 202 6.35 -1.15 10.80
N GLY A 203 6.82 -0.83 9.61
CA GLY A 203 6.27 -1.41 8.40
C GLY A 203 6.85 -2.78 8.14
N THR A 204 6.82 -3.21 6.88
CA THR A 204 7.26 -4.55 6.52
C THR A 204 8.76 -4.54 6.18
N ARG A 205 9.53 -5.37 6.89
CA ARG A 205 10.98 -5.27 6.82
C ARG A 205 11.50 -5.59 5.41
N VAL A 206 10.91 -6.57 4.74
CA VAL A 206 11.42 -6.96 3.42
C VAL A 206 11.15 -5.91 2.34
N TYR A 207 10.32 -4.90 2.63
CA TYR A 207 10.15 -3.74 1.75
C TYR A 207 10.87 -2.50 2.27
N SER A 208 11.67 -2.65 3.42
CA SER A 208 12.28 -1.45 3.97
C SER A 208 13.67 -1.25 3.36
N PRO A 209 14.17 -0.01 3.34
CA PRO A 209 15.38 0.28 2.55
C PRO A 209 16.65 -0.05 3.33
N PRO A 210 17.77 -0.20 2.62
CA PRO A 210 19.03 -0.57 3.29
C PRO A 210 19.51 0.43 4.34
N GLU A 211 19.22 1.74 4.18
CA GLU A 211 19.64 2.68 5.20
C GLU A 211 18.85 2.50 6.50
N TRP A 212 17.65 1.92 6.43
CA TRP A 212 16.98 1.55 7.67
C TRP A 212 17.64 0.34 8.31
N ILE A 213 17.90 -0.70 7.51
CA ILE A 213 18.59 -1.90 8.00
C ILE A 213 19.91 -1.53 8.64
N ARG A 214 20.72 -0.71 7.95
CA ARG A 214 22.08 -0.44 8.41
C ARG A 214 22.13 0.60 9.52
N TYR A 215 21.31 1.66 9.45
CA TYR A 215 21.47 2.80 10.35
C TYR A 215 20.25 3.17 11.16
N HIS A 216 19.10 2.54 10.94
CA HIS A 216 17.84 2.96 11.58
C HIS A 216 17.53 4.42 11.30
N ARG A 217 17.84 4.86 10.07
CA ARG A 217 17.51 6.20 9.61
C ARG A 217 17.04 6.15 8.16
N TYR A 218 16.04 6.96 7.83
CA TYR A 218 15.59 7.07 6.44
C TYR A 218 14.83 8.37 6.31
N HIS A 219 14.66 8.80 5.07
CA HIS A 219 13.81 9.93 4.74
C HIS A 219 12.59 9.41 3.97
N GLY A 220 11.49 10.16 4.05
CA GLY A 220 10.20 9.60 3.70
C GLY A 220 10.08 9.22 2.22
N ARG A 221 10.38 10.17 1.34
N ARG A 221 10.37 10.17 1.32
CA ARG A 221 10.13 9.97 -0.09
CA ARG A 221 10.10 9.91 -0.08
C ARG A 221 11.06 8.91 -0.67
C ARG A 221 11.07 8.88 -0.67
N SER A 222 12.35 8.98 -0.34
CA SER A 222 13.30 8.03 -0.90
C SER A 222 13.07 6.62 -0.34
N ALA A 223 12.61 6.49 0.91
CA ALA A 223 12.25 5.17 1.42
C ALA A 223 11.01 4.63 0.71
N ALA A 224 10.06 5.52 0.37
CA ALA A 224 8.87 5.08 -0.34
C ALA A 224 9.23 4.54 -1.73
N VAL A 225 10.19 5.21 -2.40
CA VAL A 225 10.62 4.80 -3.72
C VAL A 225 11.27 3.43 -3.67
N TRP A 226 12.06 3.16 -2.62
CA TRP A 226 12.64 1.83 -2.46
C TRP A 226 11.53 0.77 -2.41
N SER A 227 10.51 0.99 -1.56
CA SER A 227 9.44 0.01 -1.48
C SER A 227 8.68 -0.13 -2.79
N LEU A 228 8.62 0.95 -3.58
CA LEU A 228 7.99 0.85 -4.90
C LEU A 228 8.83 0.01 -5.86
N GLY A 229 10.16 0.11 -5.77
CA GLY A 229 11.01 -0.81 -6.53
C GLY A 229 10.82 -2.27 -6.15
N ILE A 230 10.69 -2.56 -4.84
CA ILE A 230 10.37 -3.91 -4.40
C ILE A 230 9.04 -4.35 -5.00
N LEU A 231 8.04 -3.48 -4.95
CA LEU A 231 6.70 -3.80 -5.43
C LEU A 231 6.70 -4.09 -6.94
N LEU A 232 7.41 -3.27 -7.72
CA LEU A 232 7.45 -3.48 -9.16
C LEU A 232 8.15 -4.80 -9.52
N TYR A 233 9.28 -5.09 -8.87
CA TYR A 233 9.93 -6.38 -9.06
C TYR A 233 8.95 -7.51 -8.75
N ASP A 234 8.25 -7.39 -7.62
CA ASP A 234 7.23 -8.35 -7.22
C ASP A 234 6.20 -8.58 -8.34
N MET A 235 5.74 -7.49 -8.97
CA MET A 235 4.74 -7.60 -10.03
C MET A 235 5.28 -8.34 -11.25
N VAL A 236 6.48 -7.98 -11.73
CA VAL A 236 6.95 -8.56 -12.99
C VAL A 236 7.71 -9.88 -12.81
N CYS A 237 8.10 -10.23 -11.59
CA CYS A 237 8.78 -11.51 -11.36
C CYS A 237 7.96 -12.54 -10.60
N GLY A 238 6.84 -12.14 -9.98
CA GLY A 238 6.02 -13.07 -9.23
C GLY A 238 6.34 -13.19 -7.76
N ASP A 239 7.45 -12.59 -7.29
CA ASP A 239 7.73 -12.53 -5.86
C ASP A 239 8.78 -11.45 -5.64
N ILE A 240 8.99 -11.11 -4.37
CA ILE A 240 9.86 -9.99 -4.01
C ILE A 240 11.31 -10.40 -4.20
N PRO A 241 12.24 -9.46 -4.39
CA PRO A 241 13.62 -9.86 -4.68
C PRO A 241 14.42 -10.30 -3.46
N PHE A 242 14.13 -9.74 -2.28
CA PHE A 242 14.97 -9.94 -1.12
C PHE A 242 14.14 -10.53 0.02
N GLU A 243 14.73 -11.46 0.77
CA GLU A 243 14.15 -11.97 2.01
C GLU A 243 14.99 -11.70 3.25
N HIS A 244 16.30 -11.50 3.11
CA HIS A 244 17.19 -11.37 4.25
C HIS A 244 17.88 -10.02 4.24
N ASP A 245 18.30 -9.59 5.44
CA ASP A 245 18.94 -8.29 5.58
C ASP A 245 20.14 -8.14 4.67
N GLU A 246 20.93 -9.20 4.53
CA GLU A 246 22.14 -9.15 3.74
C GLU A 246 21.84 -8.97 2.26
N GLU A 247 20.73 -9.55 1.77
CA GLU A 247 20.32 -9.29 0.39
C GLU A 247 19.87 -7.85 0.23
N ILE A 248 19.15 -7.31 1.21
CA ILE A 248 18.64 -5.94 1.11
C ILE A 248 19.80 -4.95 1.00
N ILE A 249 20.81 -5.10 1.86
CA ILE A 249 21.92 -4.14 1.85
C ILE A 249 22.95 -4.47 0.78
N GLY A 250 22.87 -5.65 0.17
CA GLY A 250 23.83 -6.02 -0.85
C GLY A 250 23.58 -5.36 -2.19
N GLY A 251 22.34 -4.99 -2.47
CA GLY A 251 22.03 -4.24 -3.67
C GLY A 251 22.35 -4.92 -5.00
N GLN A 252 22.27 -6.24 -5.06
CA GLN A 252 22.31 -6.96 -6.33
C GLN A 252 20.90 -7.44 -6.65
N VAL A 253 20.40 -7.13 -7.83
CA VAL A 253 19.06 -7.51 -8.26
C VAL A 253 19.21 -8.58 -9.33
N PHE A 254 18.89 -9.83 -8.99
CA PHE A 254 18.84 -10.92 -9.96
C PHE A 254 17.40 -11.04 -10.46
N PHE A 255 17.22 -11.07 -11.79
CA PHE A 255 15.88 -11.23 -12.37
C PHE A 255 15.60 -12.69 -12.67
N ARG A 256 14.56 -13.23 -12.03
CA ARG A 256 14.20 -14.64 -12.13
C ARG A 256 13.19 -14.90 -13.24
N GLN A 257 12.68 -13.85 -13.88
CA GLN A 257 11.77 -13.94 -15.00
C GLN A 257 12.29 -13.06 -16.13
N ARG A 258 11.82 -13.36 -17.33
CA ARG A 258 12.10 -12.50 -18.47
C ARG A 258 11.46 -11.14 -18.22
N VAL A 259 12.29 -10.10 -18.12
CA VAL A 259 11.84 -8.74 -17.90
C VAL A 259 12.58 -7.85 -18.89
N SER A 260 11.86 -6.90 -19.49
CA SER A 260 12.45 -6.03 -20.50
C SER A 260 13.58 -5.19 -19.90
N SER A 261 14.51 -4.77 -20.76
CA SER A 261 15.62 -3.95 -20.31
C SER A 261 15.15 -2.64 -19.69
N GLU A 262 14.12 -2.02 -20.28
CA GLU A 262 13.59 -0.78 -19.75
C GLU A 262 13.02 -0.97 -18.35
N CYS A 263 12.30 -2.08 -18.11
CA CYS A 263 11.75 -2.34 -16.79
C CYS A 263 12.84 -2.68 -15.78
N GLN A 264 13.81 -3.50 -16.17
CA GLN A 264 14.96 -3.78 -15.31
C GLN A 264 15.65 -2.50 -14.85
N HIS A 265 15.87 -1.58 -15.81
CA HIS A 265 16.49 -0.31 -15.47
C HIS A 265 15.67 0.47 -14.43
N LEU A 266 14.36 0.59 -14.63
CA LEU A 266 13.55 1.35 -13.66
C LEU A 266 13.63 0.72 -12.28
N ILE A 267 13.59 -0.61 -12.21
CA ILE A 267 13.62 -1.31 -10.94
C ILE A 267 14.95 -1.07 -10.23
N ARG A 268 16.05 -1.24 -10.95
CA ARG A 268 17.37 -1.03 -10.35
C ARG A 268 17.60 0.42 -9.94
N TRP A 269 16.95 1.36 -10.62
CA TRP A 269 17.04 2.76 -10.24
C TRP A 269 16.32 3.00 -8.93
N CYS A 270 15.09 2.48 -8.79
CA CYS A 270 14.34 2.57 -7.54
C CYS A 270 15.08 1.91 -6.38
N LEU A 271 15.83 0.84 -6.65
CA LEU A 271 16.57 0.07 -5.66
C LEU A 271 18.04 0.51 -5.55
N ALA A 272 18.37 1.74 -5.93
CA ALA A 272 19.73 2.22 -5.68
C ALA A 272 20.03 2.19 -4.19
N LEU A 273 21.22 1.70 -3.84
CA LEU A 273 21.61 1.62 -2.43
C LEU A 273 21.64 3.01 -1.78
N ARG A 274 22.23 4.00 -2.45
CA ARG A 274 22.25 5.34 -1.87
C ARG A 274 20.91 6.01 -2.09
N PRO A 275 20.26 6.50 -1.03
CA PRO A 275 18.92 7.10 -1.20
C PRO A 275 18.87 8.25 -2.20
N SER A 276 19.91 9.09 -2.25
CA SER A 276 19.92 10.20 -3.18
C SER A 276 20.14 9.77 -4.63
N ASP A 277 20.51 8.52 -4.87
CA ASP A 277 20.57 8.01 -6.24
C ASP A 277 19.23 7.50 -6.76
N ARG A 278 18.18 7.47 -5.94
CA ARG A 278 16.88 6.98 -6.39
C ARG A 278 16.12 8.08 -7.14
N PRO A 279 15.22 7.68 -8.03
CA PRO A 279 14.43 8.67 -8.78
C PRO A 279 13.37 9.34 -7.93
N THR A 280 13.02 10.57 -8.30
CA THR A 280 11.80 11.20 -7.80
C THR A 280 10.57 10.51 -8.40
N PHE A 281 9.39 10.84 -7.87
CA PHE A 281 8.17 10.30 -8.47
C PHE A 281 8.00 10.80 -9.90
N GLU A 282 8.37 12.06 -10.16
CA GLU A 282 8.34 12.60 -11.52
C GLU A 282 9.24 11.80 -12.46
N GLU A 283 10.45 11.47 -12.00
CA GLU A 283 11.37 10.69 -12.83
C GLU A 283 10.86 9.27 -13.06
N ILE A 284 10.24 8.65 -12.07
CA ILE A 284 9.62 7.35 -12.30
C ILE A 284 8.54 7.47 -13.39
N GLN A 285 7.62 8.41 -13.23
CA GLN A 285 6.50 8.51 -14.17
C GLN A 285 6.93 9.01 -15.56
N ASN A 286 8.09 9.65 -15.70
CA ASN A 286 8.61 10.01 -17.02
C ASN A 286 9.53 8.95 -17.61
N HIS A 287 9.79 7.86 -16.88
CA HIS A 287 10.67 6.82 -17.38
C HIS A 287 10.08 6.20 -18.65
N PRO A 288 10.91 5.83 -19.61
CA PRO A 288 10.37 5.24 -20.85
C PRO A 288 9.51 4.01 -20.63
N TRP A 289 9.79 3.19 -19.60
CA TRP A 289 8.95 2.03 -19.38
C TRP A 289 7.52 2.39 -18.98
N MET A 290 7.29 3.61 -18.47
CA MET A 290 5.99 3.98 -17.95
C MET A 290 5.08 4.64 -18.99
N GLN A 291 5.50 4.72 -20.26
CA GLN A 291 4.73 5.47 -21.24
C GLN A 291 3.58 4.64 -21.80
N ASP A 292 2.52 5.33 -22.21
CA ASP A 292 1.34 4.73 -22.84
C ASP A 292 0.63 3.73 -21.92
N VAL A 293 0.39 4.16 -20.68
CA VAL A 293 -0.32 3.30 -19.73
C VAL A 293 -1.77 3.11 -20.16
N LEU A 294 -2.32 1.94 -19.85
CA LEU A 294 -3.74 1.72 -20.06
C LEU A 294 -4.58 2.53 -19.08
N LEU A 295 -5.78 2.91 -19.51
CA LEU A 295 -6.78 3.43 -18.60
C LEU A 295 -7.28 2.31 -17.68
N PRO A 296 -7.87 2.67 -16.54
CA PRO A 296 -8.38 1.61 -15.63
C PRO A 296 -9.40 0.68 -16.28
N GLN A 297 -10.38 1.23 -17.00
CA GLN A 297 -11.41 0.38 -17.60
C GLN A 297 -10.82 -0.53 -18.67
N GLU A 298 -9.91 -0.02 -19.51
CA GLU A 298 -9.20 -0.88 -20.45
C GLU A 298 -8.48 -2.00 -19.73
N THR A 299 -7.84 -1.69 -18.59
CA THR A 299 -7.11 -2.69 -17.82
C THR A 299 -8.04 -3.82 -17.39
N ALA A 300 -9.23 -3.49 -16.92
CA ALA A 300 -10.19 -4.52 -16.51
C ALA A 300 -10.61 -5.36 -17.70
N GLU A 301 -10.96 -4.72 -18.82
CA GLU A 301 -11.51 -5.44 -19.96
C GLU A 301 -10.48 -6.38 -20.58
N ILE A 302 -9.22 -5.95 -20.64
CA ILE A 302 -8.18 -6.78 -21.23
C ILE A 302 -7.72 -7.86 -20.27
N HIS A 303 -7.49 -7.51 -19.00
CA HIS A 303 -6.75 -8.36 -18.09
C HIS A 303 -7.54 -8.94 -16.93
N LEU A 304 -8.68 -8.34 -16.57
CA LEU A 304 -9.38 -8.72 -15.35
C LEU A 304 -10.73 -9.36 -15.60
N HIS A 305 -11.51 -8.84 -16.55
CA HIS A 305 -12.75 -9.50 -16.92
C HIS A 305 -12.38 -10.82 -17.59
N ARG B 2 9.05 -22.62 -5.68
CA ARG B 2 9.68 -21.79 -4.66
C ARG B 2 8.63 -21.02 -3.84
N LYS B 3 8.71 -21.12 -2.52
CA LYS B 3 7.64 -20.63 -1.64
C LYS B 3 7.56 -19.11 -1.66
N ARG B 4 6.34 -18.60 -1.76
CA ARG B 4 6.03 -17.19 -1.62
C ARG B 4 5.18 -17.01 -0.37
N ARG B 5 5.41 -15.93 0.35
CA ARG B 5 4.81 -15.78 1.68
C ARG B 5 4.48 -14.32 1.93
N ARG B 6 3.45 -14.12 2.76
CA ARG B 6 3.18 -12.81 3.33
C ARG B 6 4.23 -12.49 4.38
N HIS B 7 4.27 -11.21 4.78
CA HIS B 7 5.18 -10.73 5.82
C HIS B 7 4.41 -9.76 6.71
N PRO B 8 4.43 -9.98 8.02
CA PRO B 8 3.65 -9.14 8.93
C PRO B 8 4.23 -7.73 9.08
N SER B 9 3.39 -6.86 9.62
CA SER B 9 3.77 -5.49 9.98
C SER B 9 2.86 -5.00 11.11
C2 8MT C . -10.50 -2.28 3.77
C1 8MT C . -9.64 -3.15 4.34
N1 8MT C . -7.88 -4.04 5.64
C4 8MT C . -11.13 -4.26 2.73
C3 8MT C . -11.32 -2.92 2.86
BR1 8MT C . -12.00 -5.54 1.66
BR 8MT C . -12.55 -1.89 1.90
S 8MT C . -9.86 -4.77 3.78
C 8MT C . -8.55 -2.94 5.31
O 8MT C . -8.30 -1.81 5.73
N 8MT C . -6.76 -4.00 6.51
#